data_8SY8
#
_entry.id   8SY8
#
_cell.length_a   115.700
_cell.length_b   115.700
_cell.length_c   66.300
_cell.angle_alpha   90.000
_cell.angle_beta   90.000
_cell.angle_gamma   120.000
#
_symmetry.space_group_name_H-M   'P 32 2 1'
#
loop_
_entity.id
_entity.type
_entity.pdbx_description
1 polymer '4-formylbenzenesulfonate dehydrogenase TsaC'
2 water water
#
_entity_poly.entity_id   1
_entity_poly.type   'polypeptide(L)'
_entity_poly.pdbx_seq_one_letter_code
;MGSSHHHHHHSSGENLYFQGMNLNKQVAIVTGGASGFGAAIARRLSQAGAAVLVADLNAEGAQRMATELNAAGGRALGMA
CDVSKEADYRAVVDAAIAQLGGLHIVVNNAGTTHRNKPALAVTEDEFDRVYRVNLKSVYWSAQCALPHFAQQGHGVMVNV
ASTTGVRPGPGLTWYSGSKAAMINLTKGLALEFARSGVRINAVNPMIGETPMMADFMGMEDTPANRERFLSRIPLGRFTR
PDDVASAVAFLASDDASFLTGVCLDVDGGRNI
;
_entity_poly.pdbx_strand_id   A,B
#
# COMPACT_ATOMS: atom_id res chain seq x y z
N ASN A 22 -16.30 -23.81 -15.81
CA ASN A 22 -15.44 -24.99 -16.09
C ASN A 22 -14.06 -24.51 -16.58
N LEU A 23 -12.99 -25.05 -16.01
CA LEU A 23 -11.62 -24.59 -16.39
C LEU A 23 -10.79 -25.78 -16.88
N ASN A 24 -11.42 -26.66 -17.67
CA ASN A 24 -10.69 -27.84 -18.23
C ASN A 24 -9.55 -27.36 -19.13
N LYS A 25 -8.46 -28.11 -19.21
CA LYS A 25 -7.35 -27.75 -20.13
C LYS A 25 -6.85 -26.34 -19.78
N GLN A 26 -7.14 -25.86 -18.58
CA GLN A 26 -6.59 -24.54 -18.18
C GLN A 26 -5.57 -24.73 -17.04
N VAL A 27 -4.54 -23.89 -16.99
CA VAL A 27 -3.53 -23.96 -15.95
C VAL A 27 -3.63 -22.73 -15.06
N ALA A 28 -3.68 -22.96 -13.75
CA ALA A 28 -3.73 -21.91 -12.75
C ALA A 28 -2.52 -21.99 -11.82
N ILE A 29 -1.93 -20.86 -11.51
CA ILE A 29 -1.03 -20.72 -10.38
C ILE A 29 -1.82 -20.10 -9.24
N VAL A 30 -1.75 -20.68 -8.06
CA VAL A 30 -2.34 -20.12 -6.86
C VAL A 30 -1.21 -19.93 -5.86
N THR A 31 -0.87 -18.67 -5.55
CA THR A 31 0.08 -18.43 -4.46
C THR A 31 -0.63 -18.46 -3.11
N GLY A 32 0.16 -18.60 -2.03
CA GLY A 32 -0.43 -18.83 -0.73
C GLY A 32 -1.18 -20.14 -0.68
N GLY A 33 -0.79 -21.09 -1.52
CA GLY A 33 -1.66 -22.23 -1.78
C GLY A 33 -1.70 -23.29 -0.70
N ALA A 34 -0.82 -23.24 0.31
CA ALA A 34 -0.76 -24.36 1.24
C ALA A 34 -1.83 -24.31 2.30
N SER A 35 -2.47 -23.16 2.50
CA SER A 35 -3.36 -22.99 3.64
C SER A 35 -4.35 -21.87 3.33
N GLY A 36 -5.23 -21.61 4.29
CA GLY A 36 -6.07 -20.42 4.27
C GLY A 36 -6.94 -20.38 3.04
N PHE A 37 -7.09 -19.19 2.48
CA PHE A 37 -7.91 -19.06 1.28
C PHE A 37 -7.23 -19.70 0.07
N GLY A 38 -5.91 -19.71 0.04
CA GLY A 38 -5.23 -20.26 -1.11
C GLY A 38 -5.52 -21.72 -1.30
N ALA A 39 -5.50 -22.50 -0.22
CA ALA A 39 -5.83 -23.92 -0.31
C ALA A 39 -7.27 -24.11 -0.77
N ALA A 40 -8.21 -23.36 -0.18
CA ALA A 40 -9.59 -23.49 -0.62
C ALA A 40 -9.73 -23.13 -2.11
N ILE A 41 -9.01 -22.10 -2.55
CA ILE A 41 -9.08 -21.69 -3.95
C ILE A 41 -8.47 -22.77 -4.86
N ALA A 42 -7.31 -23.30 -4.49
CA ALA A 42 -6.72 -24.40 -5.25
C ALA A 42 -7.64 -25.60 -5.35
N ARG A 43 -8.30 -25.96 -4.24
CA ARG A 43 -9.25 -27.06 -4.26
C ARG A 43 -10.35 -26.78 -5.27
N ARG A 44 -10.94 -25.58 -5.19
CA ARG A 44 -12.06 -25.27 -6.08
C ARG A 44 -11.64 -25.27 -7.54
N LEU A 45 -10.51 -24.64 -7.87
CA LEU A 45 -10.12 -24.56 -9.27
C LEU A 45 -9.80 -25.94 -9.84
N SER A 46 -9.16 -26.80 -9.06
CA SER A 46 -8.89 -28.16 -9.49
C SER A 46 -10.20 -28.95 -9.65
N GLN A 47 -11.13 -28.79 -8.71
CA GLN A 47 -12.45 -29.42 -8.85
C GLN A 47 -13.14 -29.00 -10.15
N ALA A 48 -12.86 -27.80 -10.65
CA ALA A 48 -13.44 -27.35 -11.91
C ALA A 48 -12.66 -27.80 -13.13
N GLY A 49 -11.58 -28.57 -12.96
CA GLY A 49 -10.84 -29.13 -14.07
C GLY A 49 -9.52 -28.43 -14.40
N ALA A 50 -9.14 -27.40 -13.66
CA ALA A 50 -7.90 -26.72 -14.00
C ALA A 50 -6.72 -27.48 -13.41
N ALA A 51 -5.59 -27.46 -14.12
CA ALA A 51 -4.32 -27.88 -13.54
C ALA A 51 -3.78 -26.76 -12.65
N VAL A 52 -3.34 -27.11 -11.45
CA VAL A 52 -2.96 -26.12 -10.44
C VAL A 52 -1.51 -26.32 -10.04
N LEU A 53 -0.71 -25.27 -10.23
CA LEU A 53 0.58 -25.13 -9.55
C LEU A 53 0.34 -24.43 -8.23
N VAL A 54 0.45 -25.17 -7.12
CA VAL A 54 0.34 -24.61 -5.78
C VAL A 54 1.68 -23.98 -5.39
N ALA A 55 1.70 -22.67 -5.25
CA ALA A 55 2.92 -21.97 -4.84
C ALA A 55 2.74 -21.48 -3.43
N ASP A 56 3.79 -21.59 -2.63
CA ASP A 56 3.77 -21.24 -1.21
C ASP A 56 5.20 -21.12 -0.70
N LEU A 57 5.37 -20.25 0.29
CA LEU A 57 6.67 -20.13 0.98
C LEU A 57 7.13 -21.48 1.48
N ASN A 58 6.18 -22.30 1.91
CA ASN A 58 6.46 -23.58 2.54
C ASN A 58 6.42 -24.69 1.49
N ALA A 59 7.57 -25.20 1.10
CA ALA A 59 7.58 -26.22 0.03
C ALA A 59 6.77 -27.44 0.44
N GLU A 60 6.88 -27.84 1.70
CA GLU A 60 6.18 -29.07 2.16
C GLU A 60 4.67 -28.83 2.13
N GLY A 61 4.24 -27.68 2.65
CA GLY A 61 2.80 -27.36 2.62
C GLY A 61 2.31 -27.28 1.19
N ALA A 62 3.10 -26.67 0.31
CA ALA A 62 2.68 -26.64 -1.09
C ALA A 62 2.55 -28.05 -1.64
N GLN A 63 3.47 -28.94 -1.29
CA GLN A 63 3.46 -30.31 -1.87
C GLN A 63 2.29 -31.11 -1.29
N ARG A 64 1.98 -30.91 -0.01
CA ARG A 64 0.87 -31.63 0.65
C ARG A 64 -0.44 -31.29 -0.08
N MET A 65 -0.67 -29.99 -0.31
CA MET A 65 -1.91 -29.55 -0.99
C MET A 65 -1.98 -30.20 -2.37
N ALA A 66 -0.86 -30.23 -3.09
CA ALA A 66 -0.86 -30.80 -4.45
C ALA A 66 -1.19 -32.30 -4.37
N THR A 67 -0.64 -32.98 -3.38
CA THR A 67 -0.89 -34.43 -3.20
C THR A 67 -2.38 -34.64 -2.94
N GLU A 68 -2.96 -33.80 -2.11
CA GLU A 68 -4.41 -33.89 -1.81
C GLU A 68 -5.18 -33.71 -3.12
N LEU A 69 -4.85 -32.68 -3.88
CA LEU A 69 -5.62 -32.41 -5.12
C LEU A 69 -5.42 -33.58 -6.07
N ASN A 70 -4.20 -34.13 -6.09
CA ASN A 70 -3.91 -35.27 -6.96
C ASN A 70 -4.71 -36.49 -6.53
N ALA A 71 -4.76 -36.76 -5.23
CA ALA A 71 -5.52 -37.92 -4.73
C ALA A 71 -7.00 -37.80 -5.09
N ALA A 72 -7.48 -36.59 -5.40
CA ALA A 72 -8.92 -36.35 -5.55
C ALA A 72 -9.31 -36.39 -7.03
N GLY A 73 -8.36 -36.61 -7.91
CA GLY A 73 -8.65 -36.75 -9.35
C GLY A 73 -7.91 -35.71 -10.17
N GLY A 74 -7.15 -34.85 -9.52
CA GLY A 74 -6.65 -33.62 -10.14
C GLY A 74 -5.30 -33.80 -10.82
N ARG A 75 -4.85 -32.77 -11.53
N ARG A 75 -4.78 -32.69 -11.33
CA ARG A 75 -3.42 -32.61 -11.88
CA ARG A 75 -3.43 -32.62 -11.93
C ARG A 75 -2.90 -31.35 -11.20
C ARG A 75 -2.83 -31.37 -11.27
N ALA A 76 -1.92 -31.53 -10.32
CA ALA A 76 -1.40 -30.43 -9.49
C ALA A 76 0.08 -30.67 -9.19
N LEU A 77 0.82 -29.58 -8.99
CA LEU A 77 2.25 -29.67 -8.61
C LEU A 77 2.49 -28.64 -7.51
N GLY A 78 3.32 -28.97 -6.54
CA GLY A 78 3.68 -28.04 -5.49
C GLY A 78 5.03 -27.42 -5.80
N MET A 79 5.23 -26.17 -5.36
CA MET A 79 6.52 -25.49 -5.61
C MET A 79 6.72 -24.38 -4.59
N ALA A 80 7.91 -24.33 -3.99
CA ALA A 80 8.23 -23.25 -3.03
C ALA A 80 8.42 -21.95 -3.80
N CYS A 81 8.03 -20.84 -3.20
CA CYS A 81 8.11 -19.54 -3.91
C CYS A 81 7.96 -18.37 -2.94
N ASP A 82 8.89 -17.44 -2.96
CA ASP A 82 8.73 -16.18 -2.19
C ASP A 82 8.21 -15.18 -3.23
N VAL A 83 6.92 -14.87 -3.18
CA VAL A 83 6.29 -13.99 -4.20
C VAL A 83 6.92 -12.59 -4.22
N SER A 84 7.74 -12.28 -3.22
CA SER A 84 8.44 -10.97 -3.17
C SER A 84 9.67 -11.01 -4.08
N LYS A 85 10.08 -12.19 -4.52
CA LYS A 85 11.31 -12.32 -5.32
C LYS A 85 10.98 -12.62 -6.79
N GLU A 86 11.53 -11.82 -7.69
CA GLU A 86 11.27 -12.04 -9.12
C GLU A 86 11.61 -13.46 -9.53
N ALA A 87 12.78 -13.96 -9.10
CA ALA A 87 13.25 -15.26 -9.58
C ALA A 87 12.32 -16.38 -9.15
N ASP A 88 11.87 -16.37 -7.89
CA ASP A 88 10.87 -17.33 -7.44
C ASP A 88 9.60 -17.23 -8.27
N TYR A 89 9.15 -16.02 -8.58
CA TYR A 89 7.90 -15.88 -9.31
C TYR A 89 8.08 -16.23 -10.78
N ARG A 90 9.23 -15.92 -11.37
CA ARG A 90 9.43 -16.35 -12.74
C ARG A 90 9.53 -17.88 -12.81
N ALA A 91 10.21 -18.51 -11.84
CA ALA A 91 10.37 -19.96 -11.88
C ALA A 91 9.03 -20.68 -11.79
N VAL A 92 8.09 -20.13 -11.04
CA VAL A 92 6.78 -20.75 -10.93
C VAL A 92 5.99 -20.60 -12.23
N VAL A 93 6.13 -19.43 -12.88
CA VAL A 93 5.49 -19.26 -14.18
C VAL A 93 6.09 -20.22 -15.20
N ASP A 94 7.43 -20.33 -15.23
CA ASP A 94 8.07 -21.21 -16.20
C ASP A 94 7.73 -22.66 -15.91
N ALA A 95 7.67 -23.04 -14.62
CA ALA A 95 7.32 -24.41 -14.26
C ALA A 95 5.92 -24.77 -14.73
N ALA A 96 4.96 -23.86 -14.53
CA ALA A 96 3.60 -24.11 -14.99
C ALA A 96 3.56 -24.27 -16.51
N ILE A 97 4.24 -23.38 -17.24
CA ILE A 97 4.22 -23.47 -18.70
C ILE A 97 4.89 -24.76 -19.17
N ALA A 98 6.07 -25.05 -18.65
CA ALA A 98 6.83 -26.20 -19.13
C ALA A 98 6.19 -27.52 -18.71
N GLN A 99 5.79 -27.66 -17.46
CA GLN A 99 5.39 -28.99 -17.01
C GLN A 99 3.89 -29.21 -17.01
N LEU A 100 3.08 -28.18 -16.81
CA LEU A 100 1.64 -28.34 -16.96
C LEU A 100 1.16 -27.92 -18.35
N GLY A 101 2.00 -27.26 -19.13
CA GLY A 101 1.68 -27.03 -20.52
C GLY A 101 1.08 -25.69 -20.86
N GLY A 102 1.11 -24.72 -19.95
CA GLY A 102 0.62 -23.39 -20.26
C GLY A 102 0.34 -22.65 -18.95
N LEU A 103 -0.19 -21.44 -19.10
CA LEU A 103 -0.64 -20.66 -17.96
C LEU A 103 -1.78 -19.78 -18.43
N HIS A 104 -2.93 -19.84 -17.74
CA HIS A 104 -4.08 -18.98 -18.08
C HIS A 104 -4.65 -18.22 -16.90
N ILE A 105 -4.27 -18.56 -15.68
CA ILE A 105 -4.88 -18.03 -14.49
C ILE A 105 -3.81 -17.85 -13.43
N VAL A 106 -3.79 -16.67 -12.79
CA VAL A 106 -2.82 -16.40 -11.70
C VAL A 106 -3.58 -15.82 -10.49
N VAL A 107 -3.62 -16.55 -9.38
CA VAL A 107 -4.30 -16.10 -8.17
C VAL A 107 -3.26 -15.75 -7.13
N ASN A 108 -3.21 -14.49 -6.72
CA ASN A 108 -2.23 -14.04 -5.71
C ASN A 108 -2.88 -14.06 -4.32
N ASN A 109 -2.58 -14.97 -3.42
N ASN A 109 -2.57 -14.96 -3.41
CA ASN A 109 -3.38 -14.94 -2.14
CA ASN A 109 -3.37 -14.93 -2.14
C ASN A 109 -2.76 -13.98 -1.11
C ASN A 109 -2.75 -13.98 -1.11
N ALA A 110 -3.57 -13.12 -0.46
CA ALA A 110 -2.91 -12.32 0.61
C ALA A 110 -2.67 -13.26 1.79
N GLY A 111 -2.00 -12.77 2.83
CA GLY A 111 -1.67 -13.62 3.98
C GLY A 111 -2.86 -13.82 4.91
N THR A 112 -2.61 -14.23 6.15
CA THR A 112 -3.70 -14.48 7.13
C THR A 112 -3.89 -13.24 8.01
N THR A 113 -3.28 -12.11 7.64
CA THR A 113 -3.41 -10.84 8.41
C THR A 113 -2.71 -11.00 9.77
N HIS A 114 -2.11 -12.16 10.02
CA HIS A 114 -1.39 -12.43 11.29
C HIS A 114 -2.33 -12.12 12.45
N ARG A 115 -1.86 -11.29 13.39
CA ARG A 115 -2.70 -11.00 14.58
C ARG A 115 -3.20 -9.55 14.47
N ASN A 116 -4.25 -9.20 15.21
CA ASN A 116 -4.73 -7.81 15.20
C ASN A 116 -4.11 -7.18 16.44
N LYS A 117 -3.45 -6.05 16.29
CA LYS A 117 -2.76 -5.35 17.35
C LYS A 117 -2.75 -3.87 17.02
N PRO A 118 -2.46 -3.01 17.99
CA PRO A 118 -2.48 -1.58 17.72
C PRO A 118 -1.42 -1.18 16.71
N ALA A 119 -1.73 -0.13 15.95
CA ALA A 119 -0.82 0.37 14.91
C ALA A 119 0.62 0.47 15.40
N LEU A 120 0.83 1.00 16.61
CA LEU A 120 2.20 1.23 17.03
C LEU A 120 2.85 0.01 17.62
N ALA A 121 2.14 -1.11 17.78
CA ALA A 121 2.76 -2.38 18.16
C ALA A 121 3.22 -3.21 16.97
N VAL A 122 2.93 -2.80 15.74
CA VAL A 122 3.36 -3.55 14.57
C VAL A 122 4.84 -3.26 14.34
N THR A 123 5.67 -4.28 14.45
CA THR A 123 7.11 -4.12 14.27
C THR A 123 7.45 -3.87 12.80
N GLU A 124 8.69 -3.48 12.53
CA GLU A 124 9.13 -3.22 11.14
C GLU A 124 9.07 -4.51 10.32
N ASP A 125 9.45 -5.63 10.91
CA ASP A 125 9.47 -6.93 10.18
C ASP A 125 8.07 -7.29 9.70
N GLU A 126 7.05 -7.04 10.52
CA GLU A 126 5.65 -7.32 10.11
C GLU A 126 5.25 -6.31 9.06
N PHE A 127 5.50 -5.03 9.30
CA PHE A 127 5.21 -4.07 8.23
C PHE A 127 5.86 -4.49 6.92
N ASP A 128 7.16 -4.81 6.97
CA ASP A 128 7.86 -5.23 5.75
C ASP A 128 7.21 -6.47 5.14
N ARG A 129 6.80 -7.44 5.96
CA ARG A 129 6.22 -8.64 5.37
C ARG A 129 4.92 -8.33 4.64
N VAL A 130 4.07 -7.47 5.22
CA VAL A 130 2.82 -7.12 4.55
C VAL A 130 3.10 -6.52 3.19
N TYR A 131 4.09 -5.62 3.12
CA TYR A 131 4.41 -4.98 1.85
C TYR A 131 4.82 -6.02 0.83
N ARG A 132 5.69 -6.93 1.24
CA ARG A 132 6.22 -7.95 0.35
C ARG A 132 5.11 -8.86 -0.13
N VAL A 133 4.32 -9.39 0.81
CA VAL A 133 3.36 -10.42 0.46
C VAL A 133 2.12 -9.82 -0.20
N ASN A 134 1.69 -8.60 0.19
CA ASN A 134 0.41 -8.07 -0.26
C ASN A 134 0.55 -7.00 -1.33
N LEU A 135 1.76 -6.52 -1.61
CA LEU A 135 1.89 -5.53 -2.71
C LEU A 135 3.00 -5.93 -3.69
N LYS A 136 4.21 -6.14 -3.18
CA LYS A 136 5.31 -6.49 -4.10
C LYS A 136 4.98 -7.74 -4.90
N SER A 137 4.27 -8.70 -4.30
CA SER A 137 3.91 -9.90 -5.04
C SER A 137 3.07 -9.58 -6.25
N VAL A 138 2.20 -8.58 -6.14
CA VAL A 138 1.32 -8.30 -7.26
C VAL A 138 2.10 -7.65 -8.38
N TYR A 139 3.09 -6.83 -8.03
CA TYR A 139 4.00 -6.28 -9.03
C TYR A 139 4.75 -7.38 -9.77
N TRP A 140 5.30 -8.36 -9.06
CA TRP A 140 6.03 -9.40 -9.78
C TRP A 140 5.08 -10.27 -10.59
N SER A 141 3.92 -10.59 -10.03
CA SER A 141 2.90 -11.28 -10.80
C SER A 141 2.63 -10.57 -12.12
N ALA A 142 2.48 -9.25 -12.06
CA ALA A 142 2.33 -8.44 -13.27
C ALA A 142 3.51 -8.61 -14.22
N GLN A 143 4.74 -8.50 -13.70
CA GLN A 143 5.92 -8.60 -14.56
C GLN A 143 6.13 -10.01 -15.10
N CYS A 144 5.71 -11.03 -14.37
CA CYS A 144 6.07 -12.40 -14.73
C CYS A 144 4.97 -13.15 -15.45
N ALA A 145 3.70 -12.83 -15.20
CA ALA A 145 2.61 -13.54 -15.84
C ALA A 145 1.92 -12.74 -16.92
N LEU A 146 1.85 -11.42 -16.79
CA LEU A 146 1.09 -10.66 -17.77
C LEU A 146 1.65 -10.73 -19.19
N PRO A 147 2.97 -10.73 -19.42
CA PRO A 147 3.40 -10.81 -20.83
C PRO A 147 2.95 -12.11 -21.48
N HIS A 148 2.99 -13.22 -20.75
CA HIS A 148 2.51 -14.47 -21.32
C HIS A 148 1.04 -14.36 -21.71
N PHE A 149 0.21 -13.79 -20.83
CA PHE A 149 -1.22 -13.63 -21.14
C PHE A 149 -1.40 -12.76 -22.38
N ALA A 150 -0.74 -11.60 -22.40
CA ALA A 150 -0.84 -10.71 -23.55
C ALA A 150 -0.44 -11.43 -24.83
N GLN A 151 0.67 -12.18 -24.77
CA GLN A 151 1.16 -12.93 -25.96
C GLN A 151 0.05 -13.83 -26.49
N GLN A 152 -0.59 -14.61 -25.63
CA GLN A 152 -1.65 -15.57 -26.08
C GLN A 152 -3.02 -14.88 -26.23
N GLY A 153 -3.11 -13.61 -25.82
CA GLY A 153 -4.34 -12.82 -26.01
C GLY A 153 -5.46 -13.28 -25.09
N HIS A 154 -5.19 -14.11 -24.12
N HIS A 154 -5.13 -13.94 -24.02
CA HIS A 154 -6.15 -14.43 -23.03
CA HIS A 154 -6.07 -14.54 -23.05
C HIS A 154 -5.40 -14.59 -21.70
C HIS A 154 -5.38 -14.64 -21.69
N GLY A 155 -6.16 -14.57 -20.61
CA GLY A 155 -5.62 -14.78 -19.26
C GLY A 155 -6.39 -14.01 -18.21
N VAL A 156 -6.33 -14.50 -16.98
CA VAL A 156 -7.00 -13.82 -15.83
C VAL A 156 -6.06 -13.79 -14.62
N MET A 157 -5.99 -12.62 -13.98
CA MET A 157 -5.28 -12.49 -12.68
C MET A 157 -6.31 -12.10 -11.63
N VAL A 158 -6.32 -12.83 -10.52
CA VAL A 158 -7.26 -12.51 -9.41
C VAL A 158 -6.41 -12.29 -8.17
N ASN A 159 -6.53 -11.10 -7.59
CA ASN A 159 -5.77 -10.75 -6.37
C ASN A 159 -6.71 -10.80 -5.17
N VAL A 160 -6.42 -11.68 -4.22
CA VAL A 160 -7.26 -11.89 -3.05
C VAL A 160 -6.68 -11.03 -1.94
N ALA A 161 -7.41 -10.00 -1.55
CA ALA A 161 -6.89 -9.07 -0.57
C ALA A 161 -6.85 -9.73 0.80
N SER A 162 -6.12 -9.09 1.71
CA SER A 162 -6.18 -9.56 3.09
C SER A 162 -7.57 -9.27 3.65
N THR A 163 -7.97 -10.07 4.65
CA THR A 163 -9.35 -9.95 5.17
C THR A 163 -9.49 -8.75 6.11
N THR A 164 -10.34 -7.77 5.74
CA THR A 164 -10.62 -6.62 6.64
C THR A 164 -12.12 -6.62 6.93
N GLY A 165 -12.51 -6.19 8.13
CA GLY A 165 -13.94 -6.16 8.52
C GLY A 165 -14.71 -5.13 7.71
N VAL A 166 -16.03 -5.30 7.60
N VAL A 166 -16.00 -5.37 7.50
CA VAL A 166 -16.86 -4.24 6.94
CA VAL A 166 -16.86 -4.34 6.84
C VAL A 166 -16.79 -3.03 7.87
C VAL A 166 -17.10 -3.27 7.90
N ARG A 167 -16.53 -1.83 7.34
N ARG A 167 -17.39 -2.04 7.44
CA ARG A 167 -16.32 -0.66 8.23
CA ARG A 167 -17.48 -0.91 8.40
C ARG A 167 -15.32 -1.13 9.29
C ARG A 167 -16.15 -1.09 9.10
N PRO A 168 -14.04 -1.36 8.95
N PRO A 168 -15.22 -0.11 9.15
CA PRO A 168 -13.13 -1.99 9.92
CA PRO A 168 -13.86 -0.35 9.69
C PRO A 168 -12.75 -1.02 11.06
C PRO A 168 -13.65 -0.40 11.20
N GLY A 169 -12.47 -1.53 12.25
N GLY A 169 -12.44 -0.77 11.64
CA GLY A 169 -12.03 -0.68 13.36
CA GLY A 169 -12.08 -0.83 13.07
C GLY A 169 -10.51 -0.65 13.48
C GLY A 169 -10.58 -0.88 13.26
N PRO A 170 -9.94 -0.46 14.68
N PRO A 170 -10.04 -0.61 14.46
CA PRO A 170 -8.50 -0.51 14.85
CA PRO A 170 -8.58 -0.59 14.68
C PRO A 170 -7.97 -1.94 14.79
C PRO A 170 -7.98 -1.99 14.77
N GLY A 171 -6.66 -2.11 14.61
CA GLY A 171 -6.06 -3.46 14.62
C GLY A 171 -5.51 -3.89 13.27
N LEU A 172 -5.95 -3.28 12.18
CA LEU A 172 -5.53 -3.71 10.82
C LEU A 172 -5.11 -2.49 10.02
N THR A 173 -4.68 -1.43 10.69
CA THR A 173 -4.32 -0.17 10.01
C THR A 173 -3.32 -0.43 8.89
N TRP A 174 -2.19 -1.08 9.19
CA TRP A 174 -1.20 -1.21 8.13
C TRP A 174 -1.62 -2.23 7.08
N TYR A 175 -2.47 -3.21 7.43
CA TYR A 175 -3.02 -4.10 6.41
C TYR A 175 -3.98 -3.37 5.50
N SER A 176 -4.87 -2.58 6.09
CA SER A 176 -5.86 -1.86 5.30
C SER A 176 -5.20 -0.86 4.37
N GLY A 177 -4.05 -0.32 4.77
CA GLY A 177 -3.28 0.58 3.94
C GLY A 177 -2.75 -0.06 2.67
N SER A 178 -1.98 -1.14 2.79
N SER A 178 -2.00 -1.23 2.75
CA SER A 178 -1.48 -1.83 1.61
CA SER A 178 -1.50 -1.92 1.56
C SER A 178 -2.59 -2.53 0.84
C SER A 178 -2.61 -2.62 0.79
N LYS A 179 -3.68 -2.92 1.52
CA LYS A 179 -4.82 -3.46 0.81
C LYS A 179 -5.44 -2.44 -0.13
N ALA A 180 -5.71 -1.22 0.37
CA ALA A 180 -6.21 -0.18 -0.51
C ALA A 180 -5.28 0.03 -1.70
N ALA A 181 -3.98 -0.08 -1.48
CA ALA A 181 -3.03 0.12 -2.59
C ALA A 181 -3.18 -1.01 -3.61
N MET A 182 -3.19 -2.25 -3.15
CA MET A 182 -3.24 -3.41 -4.07
C MET A 182 -4.51 -3.35 -4.92
N ILE A 183 -5.65 -3.01 -4.34
CA ILE A 183 -6.94 -3.00 -5.09
C ILE A 183 -6.90 -1.94 -6.18
N ASN A 184 -6.25 -0.82 -5.90
N ASN A 184 -6.26 -0.80 -5.88
CA ASN A 184 -6.15 0.29 -6.89
CA ASN A 184 -6.15 0.29 -6.90
C ASN A 184 -5.15 -0.11 -7.98
C ASN A 184 -5.17 -0.13 -7.98
N LEU A 185 -4.09 -0.82 -7.61
CA LEU A 185 -3.08 -1.28 -8.60
C LEU A 185 -3.78 -2.28 -9.52
N THR A 186 -4.58 -3.16 -8.94
CA THR A 186 -5.31 -4.19 -9.72
C THR A 186 -6.23 -3.46 -10.70
N LYS A 187 -6.92 -2.43 -10.26
CA LYS A 187 -7.83 -1.73 -11.19
C LYS A 187 -7.00 -0.99 -12.25
N GLY A 188 -5.85 -0.46 -11.86
CA GLY A 188 -4.96 0.25 -12.80
C GLY A 188 -4.42 -0.68 -13.86
N LEU A 189 -3.93 -1.84 -13.43
CA LEU A 189 -3.37 -2.87 -14.35
C LEU A 189 -4.48 -3.27 -15.33
N ALA A 190 -5.70 -3.36 -14.83
CA ALA A 190 -6.84 -3.82 -15.65
C ALA A 190 -7.10 -2.85 -16.79
N LEU A 191 -7.08 -1.55 -16.49
CA LEU A 191 -7.34 -0.51 -17.51
C LEU A 191 -6.28 -0.64 -18.61
N GLU A 192 -5.03 -0.88 -18.25
CA GLU A 192 -3.93 -1.01 -19.24
C GLU A 192 -4.20 -2.22 -20.14
N PHE A 193 -4.75 -3.30 -19.61
CA PHE A 193 -4.74 -4.60 -20.33
C PHE A 193 -6.14 -4.88 -20.88
N ALA A 194 -6.99 -3.85 -20.88
CA ALA A 194 -8.45 -4.02 -20.99
C ALA A 194 -8.82 -4.50 -22.40
N ARG A 195 -8.03 -4.14 -23.40
CA ARG A 195 -8.23 -4.66 -24.77
C ARG A 195 -7.09 -5.63 -25.12
N SER A 196 -6.92 -6.67 -24.31
CA SER A 196 -5.84 -7.64 -24.56
C SER A 196 -6.41 -9.05 -24.42
N GLY A 197 -7.67 -9.13 -24.00
CA GLY A 197 -8.29 -10.38 -23.54
C GLY A 197 -7.90 -10.73 -22.11
N VAL A 198 -6.96 -9.99 -21.53
CA VAL A 198 -6.47 -10.28 -20.16
C VAL A 198 -7.33 -9.53 -19.14
N ARG A 199 -7.93 -10.27 -18.20
N ARG A 199 -7.88 -10.24 -18.16
CA ARG A 199 -8.81 -9.67 -17.17
CA ARG A 199 -8.81 -9.66 -17.17
C ARG A 199 -8.10 -9.68 -15.81
C ARG A 199 -8.12 -9.69 -15.80
N ILE A 200 -8.04 -8.51 -15.18
CA ILE A 200 -7.40 -8.37 -13.86
C ILE A 200 -8.46 -7.89 -12.86
N ASN A 201 -8.75 -8.72 -11.88
CA ASN A 201 -9.88 -8.51 -10.96
C ASN A 201 -9.43 -8.83 -9.54
N ALA A 202 -10.28 -8.55 -8.57
CA ALA A 202 -9.82 -8.65 -7.17
C ALA A 202 -10.93 -9.17 -6.26
N VAL A 203 -10.56 -9.78 -5.12
CA VAL A 203 -11.55 -10.28 -4.18
C VAL A 203 -11.20 -9.69 -2.83
N ASN A 204 -12.21 -9.20 -2.13
CA ASN A 204 -12.03 -8.52 -0.84
C ASN A 204 -12.80 -9.34 0.18
N PRO A 205 -12.13 -10.28 0.90
CA PRO A 205 -12.78 -11.10 1.89
C PRO A 205 -13.06 -10.20 3.09
N MET A 206 -14.33 -10.12 3.48
CA MET A 206 -14.69 -9.20 4.59
C MET A 206 -15.34 -10.02 5.70
N ILE A 207 -14.81 -9.90 6.91
CA ILE A 207 -15.44 -10.59 8.07
C ILE A 207 -16.39 -9.62 8.75
N PRO A 241 -14.64 -19.50 3.59
CA PRO A 241 -13.59 -19.77 2.61
C PRO A 241 -14.29 -20.20 1.33
N ASP A 242 -15.50 -20.75 1.47
CA ASP A 242 -16.29 -21.22 0.29
C ASP A 242 -16.57 -20.03 -0.60
N ASP A 243 -17.12 -18.96 -0.02
CA ASP A 243 -17.45 -17.74 -0.80
C ASP A 243 -16.17 -17.12 -1.37
N VAL A 244 -15.04 -17.15 -0.65
CA VAL A 244 -13.83 -16.60 -1.31
C VAL A 244 -13.46 -17.46 -2.52
N ALA A 245 -13.49 -18.78 -2.37
CA ALA A 245 -13.10 -19.70 -3.46
C ALA A 245 -14.11 -19.62 -4.59
N SER A 246 -15.39 -19.52 -4.23
CA SER A 246 -16.39 -19.38 -5.29
C SER A 246 -16.15 -18.10 -6.10
N ALA A 247 -15.77 -17.02 -5.41
CA ALA A 247 -15.55 -15.77 -6.11
C ALA A 247 -14.35 -15.89 -7.06
N VAL A 248 -13.25 -16.48 -6.57
CA VAL A 248 -12.08 -16.65 -7.45
C VAL A 248 -12.40 -17.57 -8.62
N ALA A 249 -13.11 -18.66 -8.35
CA ALA A 249 -13.41 -19.61 -9.42
C ALA A 249 -14.33 -18.98 -10.47
N PHE A 250 -15.33 -18.22 -10.06
CA PHE A 250 -16.13 -17.50 -11.04
C PHE A 250 -15.28 -16.52 -11.83
N LEU A 251 -14.46 -15.71 -11.15
CA LEU A 251 -13.69 -14.69 -11.86
C LEU A 251 -12.69 -15.31 -12.82
N ALA A 252 -12.21 -16.51 -12.53
CA ALA A 252 -11.28 -17.17 -13.43
C ALA A 252 -11.98 -17.81 -14.62
N SER A 253 -13.29 -17.99 -14.56
CA SER A 253 -14.00 -18.68 -15.62
C SER A 253 -14.30 -17.74 -16.80
N ASP A 254 -14.64 -18.34 -17.94
CA ASP A 254 -15.01 -17.53 -19.10
C ASP A 254 -16.37 -16.88 -18.93
N ASP A 255 -17.15 -17.31 -17.94
CA ASP A 255 -18.39 -16.63 -17.61
C ASP A 255 -18.18 -15.29 -16.94
N ALA A 256 -16.95 -15.00 -16.49
CA ALA A 256 -16.62 -13.69 -15.96
C ALA A 256 -15.89 -12.85 -16.99
N SER A 257 -15.89 -13.29 -18.25
CA SER A 257 -15.14 -12.58 -19.29
C SER A 257 -15.55 -11.12 -19.43
N PHE A 258 -16.71 -10.72 -18.93
CA PHE A 258 -17.18 -9.34 -19.04
C PHE A 258 -16.78 -8.50 -17.84
N LEU A 259 -15.93 -9.04 -16.95
CA LEU A 259 -15.51 -8.35 -15.74
C LEU A 259 -14.01 -8.19 -15.75
N THR A 260 -13.55 -6.95 -15.67
CA THR A 260 -12.16 -6.69 -15.35
C THR A 260 -12.13 -5.41 -14.51
N GLY A 261 -11.05 -5.24 -13.74
CA GLY A 261 -10.94 -4.09 -12.87
C GLY A 261 -11.99 -4.03 -11.80
N VAL A 262 -12.48 -5.16 -11.34
CA VAL A 262 -13.52 -5.18 -10.33
C VAL A 262 -12.94 -5.76 -9.05
N CYS A 263 -13.40 -5.26 -7.92
CA CYS A 263 -13.14 -5.88 -6.63
C CYS A 263 -14.45 -6.42 -6.08
N LEU A 264 -14.53 -7.73 -5.89
CA LEU A 264 -15.75 -8.38 -5.39
C LEU A 264 -15.68 -8.52 -3.88
N ASP A 265 -16.53 -7.81 -3.16
CA ASP A 265 -16.64 -8.00 -1.72
C ASP A 265 -17.44 -9.27 -1.44
N VAL A 266 -16.90 -10.14 -0.60
CA VAL A 266 -17.51 -11.44 -0.31
C VAL A 266 -17.32 -11.74 1.17
N ASP A 267 -18.15 -12.63 1.68
CA ASP A 267 -18.11 -13.01 3.08
C ASP A 267 -16.89 -13.89 3.34
N GLY A 268 -15.98 -13.42 4.19
CA GLY A 268 -14.79 -14.20 4.52
C GLY A 268 -14.99 -15.30 5.53
N ASN B 22 -3.03 30.62 14.35
CA ASN B 22 -1.76 31.07 15.01
C ASN B 22 -0.99 29.86 15.52
N LEU B 23 -0.01 29.42 14.74
CA LEU B 23 0.81 28.24 15.13
C LEU B 23 2.01 28.72 15.97
N ASN B 24 1.98 29.98 16.40
CA ASN B 24 3.01 30.48 17.35
C ASN B 24 2.93 29.62 18.61
N LYS B 25 4.10 29.26 19.19
CA LYS B 25 4.14 28.36 20.37
C LYS B 25 3.94 26.91 19.91
N GLN B 26 4.16 26.64 18.61
CA GLN B 26 4.06 25.24 18.11
C GLN B 26 5.27 24.92 17.21
N VAL B 27 5.74 23.67 17.28
CA VAL B 27 6.86 23.22 16.41
C VAL B 27 6.31 22.24 15.37
N ALA B 28 6.75 22.37 14.13
CA ALA B 28 6.24 21.52 13.03
C ALA B 28 7.38 20.89 12.26
N ILE B 29 7.25 19.60 11.91
CA ILE B 29 8.24 18.94 11.02
C ILE B 29 7.57 18.85 9.65
N VAL B 30 8.22 19.38 8.61
CA VAL B 30 7.67 19.28 7.24
C VAL B 30 8.61 18.41 6.40
N THR B 31 8.13 17.24 5.97
CA THR B 31 8.95 16.32 5.15
C THR B 31 8.88 16.79 3.69
N GLY B 32 9.83 16.38 2.87
CA GLY B 32 9.88 16.91 1.51
C GLY B 32 9.87 18.42 1.48
N GLY B 33 10.53 19.05 2.46
CA GLY B 33 10.34 20.48 2.70
C GLY B 33 11.11 21.41 1.78
N ALA B 34 12.08 20.91 1.03
CA ALA B 34 12.99 21.78 0.29
C ALA B 34 12.38 22.34 -0.99
N SER B 35 11.26 21.80 -1.45
CA SER B 35 10.66 22.24 -2.71
C SER B 35 9.22 21.77 -2.78
N GLY B 36 8.52 22.19 -3.83
CA GLY B 36 7.17 21.75 -4.10
C GLY B 36 6.17 22.14 -3.04
N PHE B 37 5.19 21.24 -2.82
CA PHE B 37 4.17 21.43 -1.79
C PHE B 37 4.79 21.61 -0.42
N GLY B 38 5.91 20.93 -0.16
CA GLY B 38 6.50 20.94 1.16
C GLY B 38 7.19 22.24 1.51
N ALA B 39 7.81 22.88 0.51
CA ALA B 39 8.33 24.23 0.69
C ALA B 39 7.21 25.21 1.00
N ALA B 40 6.14 25.15 0.21
CA ALA B 40 5.02 26.07 0.41
C ALA B 40 4.37 25.87 1.77
N ILE B 41 4.27 24.62 2.21
CA ILE B 41 3.80 24.35 3.57
C ILE B 41 4.77 24.90 4.60
N ALA B 42 6.08 24.68 4.40
CA ALA B 42 7.06 25.17 5.38
C ALA B 42 6.95 26.67 5.56
N ARG B 43 6.66 27.38 4.47
CA ARG B 43 6.62 28.86 4.54
C ARG B 43 5.32 29.29 5.24
N ARG B 44 4.19 28.74 4.82
CA ARG B 44 2.89 29.13 5.43
C ARG B 44 2.92 28.87 6.93
N LEU B 45 3.49 27.73 7.33
CA LEU B 45 3.52 27.37 8.77
C LEU B 45 4.47 28.33 9.48
N SER B 46 5.65 28.60 8.92
CA SER B 46 6.57 29.59 9.55
C SER B 46 5.85 30.94 9.66
N GLN B 47 5.20 31.36 8.59
CA GLN B 47 4.52 32.68 8.59
C GLN B 47 3.43 32.69 9.66
N ALA B 48 2.92 31.52 10.05
CA ALA B 48 1.86 31.45 11.09
C ALA B 48 2.52 31.54 12.46
N GLY B 49 3.84 31.64 12.49
CA GLY B 49 4.56 31.83 13.77
C GLY B 49 5.12 30.54 14.31
N ALA B 50 5.20 29.52 13.47
CA ALA B 50 5.61 28.21 14.00
C ALA B 50 7.04 27.84 13.66
N ALA B 51 7.80 27.40 14.65
CA ALA B 51 9.10 26.82 14.37
C ALA B 51 8.92 25.68 13.39
N VAL B 52 9.91 25.48 12.52
CA VAL B 52 9.74 24.46 11.46
C VAL B 52 11.04 23.71 11.22
N LEU B 53 11.03 22.39 11.38
CA LEU B 53 12.22 21.61 10.98
C LEU B 53 11.98 21.21 9.52
N VAL B 54 12.75 21.77 8.60
CA VAL B 54 12.61 21.44 7.16
C VAL B 54 13.38 20.14 6.91
N ALA B 55 12.66 19.08 6.57
CA ALA B 55 13.27 17.77 6.34
C ALA B 55 13.12 17.43 4.87
N ASP B 56 14.19 16.92 4.28
CA ASP B 56 14.17 16.64 2.86
C ASP B 56 15.34 15.73 2.56
N LEU B 57 15.28 15.13 1.37
CA LEU B 57 16.32 14.19 0.95
C LEU B 57 17.61 14.94 0.60
N ASN B 58 17.44 16.18 0.14
CA ASN B 58 18.57 17.06 -0.21
C ASN B 58 18.87 18.01 0.96
N ALA B 59 19.96 17.72 1.66
CA ALA B 59 20.32 18.53 2.84
C ALA B 59 20.53 19.98 2.43
N GLU B 60 21.18 20.21 1.30
CA GLU B 60 21.49 21.60 0.87
C GLU B 60 20.18 22.36 0.72
N GLY B 61 19.19 21.79 0.05
CA GLY B 61 17.91 22.48 -0.18
C GLY B 61 17.16 22.68 1.12
N ALA B 62 17.24 21.70 2.01
CA ALA B 62 16.59 21.89 3.31
C ALA B 62 17.21 23.10 4.01
N GLN B 63 18.54 23.15 4.03
CA GLN B 63 19.26 24.26 4.72
C GLN B 63 18.87 25.59 4.05
N ARG B 64 18.77 25.58 2.72
CA ARG B 64 18.35 26.80 1.97
C ARG B 64 16.99 27.27 2.49
N MET B 65 16.00 26.37 2.53
CA MET B 65 14.64 26.80 2.94
C MET B 65 14.73 27.30 4.38
N ALA B 66 15.50 26.62 5.22
CA ALA B 66 15.59 27.00 6.64
C ALA B 66 16.15 28.42 6.74
N THR B 67 17.18 28.71 5.96
CA THR B 67 17.83 30.04 5.98
C THR B 67 16.83 31.07 5.50
N GLU B 68 16.12 30.80 4.41
CA GLU B 68 15.09 31.75 3.95
C GLU B 68 14.11 32.02 5.07
N LEU B 69 13.66 30.98 5.78
CA LEU B 69 12.59 31.16 6.81
C LEU B 69 13.14 31.97 7.97
N ASN B 70 14.36 31.64 8.41
CA ASN B 70 15.01 32.40 9.49
C ASN B 70 15.19 33.85 9.01
N ALA B 71 15.51 34.03 7.74
CA ALA B 71 15.74 35.39 7.19
C ALA B 71 14.43 36.17 7.13
N ALA B 72 13.31 35.47 7.15
CA ALA B 72 11.99 36.14 7.07
C ALA B 72 11.50 36.40 8.50
N GLY B 73 12.34 36.07 9.48
CA GLY B 73 11.98 36.37 10.88
C GLY B 73 11.46 35.15 11.60
N GLY B 74 11.54 34.00 10.94
CA GLY B 74 10.99 32.77 11.55
C GLY B 74 12.07 31.96 12.21
N ARG B 75 11.71 30.83 12.80
CA ARG B 75 12.70 29.91 13.41
C ARG B 75 12.69 28.61 12.61
N ALA B 76 13.86 28.09 12.24
CA ALA B 76 13.87 26.90 11.37
C ALA B 76 15.22 26.19 11.40
N LEU B 77 15.21 24.87 11.27
CA LEU B 77 16.47 24.09 11.18
C LEU B 77 16.30 23.12 10.01
N GLY B 78 17.33 22.95 9.19
CA GLY B 78 17.23 22.07 8.02
C GLY B 78 18.02 20.80 8.25
N MET B 79 17.44 19.65 7.94
CA MET B 79 18.12 18.36 8.16
C MET B 79 17.88 17.46 6.96
N ALA B 80 18.86 16.64 6.64
CA ALA B 80 18.67 15.67 5.55
C ALA B 80 17.86 14.51 6.12
N CYS B 81 16.84 14.04 5.38
CA CYS B 81 15.98 12.97 5.97
C CYS B 81 15.43 12.03 4.90
N ASP B 82 15.83 10.76 4.96
CA ASP B 82 15.18 9.74 4.10
C ASP B 82 14.03 9.22 4.96
N VAL B 83 12.80 9.61 4.62
CA VAL B 83 11.62 9.24 5.44
C VAL B 83 11.42 7.72 5.49
N SER B 84 12.01 6.97 4.56
CA SER B 84 11.88 5.50 4.54
C SER B 84 12.78 4.87 5.60
N LYS B 85 13.60 5.68 6.25
CA LYS B 85 14.57 5.15 7.24
C LYS B 85 14.22 5.62 8.65
N GLU B 86 14.23 4.70 9.62
CA GLU B 86 13.87 5.01 11.03
C GLU B 86 14.80 6.10 11.58
N ALA B 87 16.10 5.85 11.50
CA ALA B 87 17.11 6.73 12.12
C ALA B 87 16.88 8.16 11.64
N ASP B 88 16.66 8.33 10.34
CA ASP B 88 16.49 9.69 9.77
C ASP B 88 15.25 10.36 10.38
N TYR B 89 14.13 9.65 10.48
CA TYR B 89 12.89 10.28 10.98
C TYR B 89 13.06 10.57 12.48
N ARG B 90 13.64 9.63 13.21
CA ARG B 90 13.83 9.79 14.68
C ARG B 90 14.76 10.98 14.92
N ALA B 91 15.77 11.13 14.06
CA ALA B 91 16.70 12.27 14.13
C ALA B 91 15.92 13.57 14.04
N VAL B 92 15.11 13.68 12.98
CA VAL B 92 14.32 14.90 12.71
C VAL B 92 13.44 15.18 13.93
N VAL B 93 12.83 14.14 14.47
CA VAL B 93 11.95 14.28 15.67
C VAL B 93 12.85 14.70 16.85
N ASP B 94 13.93 13.98 17.11
CA ASP B 94 14.72 14.32 18.31
C ASP B 94 15.24 15.76 18.17
N ALA B 95 15.70 16.12 16.98
CA ALA B 95 16.27 17.47 16.79
C ALA B 95 15.20 18.52 17.07
N ALA B 96 14.00 18.31 16.57
CA ALA B 96 12.93 19.32 16.74
C ALA B 96 12.66 19.51 18.22
N ILE B 97 12.63 18.44 18.99
CA ILE B 97 12.32 18.53 20.44
C ILE B 97 13.51 19.20 21.13
N ALA B 98 14.73 18.87 20.72
CA ALA B 98 15.92 19.39 21.42
C ALA B 98 16.30 20.80 20.94
N GLN B 99 16.27 21.06 19.64
CA GLN B 99 16.75 22.37 19.14
C GLN B 99 15.60 23.35 18.91
N LEU B 100 14.45 22.87 18.45
CA LEU B 100 13.34 23.81 18.13
C LEU B 100 12.42 23.92 19.33
N GLY B 101 12.61 23.07 20.34
CA GLY B 101 11.82 23.18 21.57
C GLY B 101 10.49 22.48 21.54
N GLY B 102 10.45 21.21 21.10
CA GLY B 102 9.20 20.44 21.14
C GLY B 102 8.72 19.99 19.77
N LEU B 103 7.47 19.50 19.71
CA LEU B 103 6.88 19.04 18.43
C LEU B 103 5.37 18.88 18.63
N HIS B 104 4.59 19.51 17.77
CA HIS B 104 3.11 19.47 17.91
C HIS B 104 2.48 19.19 16.54
N ILE B 105 3.30 19.22 15.47
CA ILE B 105 2.78 19.02 14.10
C ILE B 105 3.77 18.23 13.26
N VAL B 106 3.29 17.23 12.51
CA VAL B 106 4.16 16.49 11.55
C VAL B 106 3.42 16.49 10.21
N VAL B 107 4.05 17.04 9.17
CA VAL B 107 3.43 17.08 7.81
C VAL B 107 4.23 16.12 6.93
N ASN B 108 3.55 15.12 6.37
CA ASN B 108 4.25 14.10 5.55
C ASN B 108 3.99 14.36 4.07
N ASN B 109 4.98 14.91 3.36
N ASN B 109 4.98 14.93 3.36
CA ASN B 109 4.91 15.08 1.89
CA ASN B 109 4.85 15.15 1.89
C ASN B 109 5.94 14.10 1.34
C ASN B 109 5.99 14.38 1.22
N ALA B 110 5.43 13.12 0.62
N ALA B 110 5.70 13.19 0.67
CA ALA B 110 6.56 12.23 0.26
CA ALA B 110 6.79 12.35 0.12
C ALA B 110 6.38 11.72 -1.18
C ALA B 110 6.47 11.82 -1.28
N GLY B 111 5.35 12.23 -1.89
CA GLY B 111 5.09 11.80 -3.26
C GLY B 111 5.98 12.52 -4.25
N THR B 112 6.06 12.01 -5.48
CA THR B 112 6.84 12.67 -6.54
C THR B 112 6.01 12.58 -7.83
N THR B 113 6.44 13.26 -8.88
CA THR B 113 5.74 13.13 -10.18
C THR B 113 6.15 11.79 -10.79
N HIS B 114 5.32 11.22 -11.66
CA HIS B 114 5.67 9.95 -12.34
C HIS B 114 5.08 9.90 -13.74
N ARG B 115 5.94 9.92 -14.76
CA ARG B 115 5.45 9.71 -16.12
C ARG B 115 4.69 8.40 -16.17
N ASN B 116 3.46 8.47 -16.67
CA ASN B 116 2.66 7.26 -16.82
C ASN B 116 3.18 6.47 -18.01
N LYS B 117 3.71 5.29 -17.68
CA LYS B 117 4.23 4.37 -18.70
C LYS B 117 3.53 3.03 -18.46
N PRO B 118 3.42 2.11 -19.45
CA PRO B 118 2.89 0.78 -19.18
C PRO B 118 3.57 0.14 -17.97
N ALA B 119 2.76 -0.59 -17.19
CA ALA B 119 3.25 -1.14 -15.93
C ALA B 119 4.42 -2.09 -16.16
N LEU B 120 4.48 -2.74 -17.32
CA LEU B 120 5.59 -3.67 -17.56
C LEU B 120 6.91 -2.95 -17.80
N ALA B 121 6.88 -1.64 -18.06
CA ALA B 121 8.08 -0.83 -18.10
C ALA B 121 8.50 -0.30 -16.73
N VAL B 122 7.70 -0.51 -15.69
CA VAL B 122 8.04 -0.01 -14.35
C VAL B 122 9.05 -0.97 -13.73
N THR B 123 10.23 -0.44 -13.38
CA THR B 123 11.24 -1.24 -12.70
C THR B 123 10.90 -1.38 -11.21
N GLU B 124 11.48 -2.40 -10.58
CA GLU B 124 11.17 -2.65 -9.14
C GLU B 124 11.44 -1.38 -8.34
N ASP B 125 12.58 -0.74 -8.61
N ASP B 125 12.58 -0.74 -8.61
CA ASP B 125 12.94 0.51 -7.87
CA ASP B 125 12.94 0.51 -7.87
C ASP B 125 11.84 1.54 -8.07
C ASP B 125 11.84 1.56 -8.07
N GLU B 126 11.42 1.74 -9.32
CA GLU B 126 10.34 2.73 -9.61
C GLU B 126 9.11 2.36 -8.78
N PHE B 127 8.89 1.06 -8.56
CA PHE B 127 7.71 0.64 -7.79
C PHE B 127 7.92 0.91 -6.31
N ASP B 128 9.07 0.50 -5.78
CA ASP B 128 9.39 0.74 -4.38
C ASP B 128 9.37 2.23 -4.05
N ARG B 129 9.76 3.08 -4.99
CA ARG B 129 9.86 4.53 -4.68
C ARG B 129 8.47 5.09 -4.42
N VAL B 130 7.45 4.52 -5.07
CA VAL B 130 6.07 5.02 -4.88
C VAL B 130 5.43 4.26 -3.72
N TYR B 131 5.37 2.94 -3.81
CA TYR B 131 4.63 2.18 -2.77
C TYR B 131 5.46 1.99 -1.51
N ARG B 132 6.73 1.63 -1.61
CA ARG B 132 7.47 1.33 -0.38
C ARG B 132 7.78 2.61 0.38
N VAL B 133 8.21 3.68 -0.30
CA VAL B 133 8.60 4.90 0.40
C VAL B 133 7.39 5.57 1.04
N ASN B 134 6.35 5.80 0.24
CA ASN B 134 5.19 6.56 0.79
C ASN B 134 4.59 5.84 1.99
N LEU B 135 4.44 4.52 1.91
CA LEU B 135 3.83 3.78 3.01
C LEU B 135 4.72 3.76 4.23
N LYS B 136 6.00 3.45 4.02
CA LYS B 136 6.91 3.33 5.16
C LYS B 136 7.17 4.70 5.80
N SER B 137 7.09 5.78 5.02
CA SER B 137 7.21 7.11 5.61
C SER B 137 6.08 7.37 6.60
N VAL B 138 4.86 6.93 6.28
CA VAL B 138 3.77 7.11 7.23
C VAL B 138 3.99 6.20 8.43
N TYR B 139 4.52 5.01 8.17
CA TYR B 139 4.89 4.08 9.25
C TYR B 139 5.88 4.71 10.21
N TRP B 140 7.01 5.22 9.71
CA TRP B 140 7.98 5.79 10.63
C TRP B 140 7.45 7.06 11.26
N SER B 141 6.66 7.83 10.52
CA SER B 141 6.03 9.01 11.13
C SER B 141 5.23 8.61 12.35
N ALA B 142 4.54 7.47 12.27
CA ALA B 142 3.70 7.01 13.36
C ALA B 142 4.53 6.48 14.51
N GLN B 143 5.55 5.65 14.19
CA GLN B 143 6.37 5.07 15.25
C GLN B 143 7.19 6.13 15.97
N CYS B 144 7.64 7.15 15.26
CA CYS B 144 8.64 8.07 15.78
C CYS B 144 8.02 9.31 16.41
N ALA B 145 6.94 9.81 15.85
CA ALA B 145 6.38 11.09 16.26
C ALA B 145 5.11 10.95 17.09
N LEU B 146 4.20 10.03 16.76
CA LEU B 146 2.96 9.97 17.52
C LEU B 146 3.13 9.59 18.99
N PRO B 147 4.10 8.77 19.42
CA PRO B 147 4.29 8.62 20.88
C PRO B 147 4.54 9.95 21.58
N HIS B 148 5.28 10.87 20.97
CA HIS B 148 5.46 12.18 21.60
C HIS B 148 4.12 12.90 21.68
N PHE B 149 3.30 12.79 20.65
CA PHE B 149 2.00 13.43 20.69
C PHE B 149 1.13 12.78 21.76
N ALA B 150 1.16 11.45 21.84
CA ALA B 150 0.30 10.77 22.81
C ALA B 150 0.75 11.08 24.22
N GLN B 151 2.06 11.18 24.44
CA GLN B 151 2.59 11.50 25.77
C GLN B 151 2.11 12.87 26.23
N GLN B 152 2.17 13.88 25.38
CA GLN B 152 1.72 15.19 25.79
C GLN B 152 0.23 15.39 25.57
N GLY B 153 -0.46 14.40 25.00
CA GLY B 153 -1.89 14.56 24.84
C GLY B 153 -2.32 15.54 23.78
N HIS B 154 -1.42 15.96 22.89
CA HIS B 154 -1.88 16.77 21.76
C HIS B 154 -0.89 16.67 20.62
N GLY B 155 -1.39 16.83 19.41
CA GLY B 155 -0.53 16.70 18.22
C GLY B 155 -1.36 16.56 16.96
N VAL B 156 -0.76 16.87 15.82
CA VAL B 156 -1.50 16.80 14.53
C VAL B 156 -0.61 16.19 13.46
N MET B 157 -1.05 15.09 12.84
CA MET B 157 -0.30 14.55 11.67
C MET B 157 -1.11 14.89 10.42
N VAL B 158 -0.45 15.46 9.42
CA VAL B 158 -1.10 15.80 8.16
C VAL B 158 -0.32 15.10 7.06
N ASN B 159 -1.02 14.25 6.31
CA ASN B 159 -0.35 13.47 5.23
C ASN B 159 -0.80 13.99 3.86
N VAL B 160 0.04 14.81 3.22
CA VAL B 160 -0.29 15.33 1.86
C VAL B 160 0.03 14.24 0.83
N ALA B 161 -0.97 13.79 0.06
CA ALA B 161 -0.75 12.74 -0.96
C ALA B 161 -0.23 13.39 -2.24
N SER B 162 1.06 13.64 -2.32
CA SER B 162 1.64 14.34 -3.49
C SER B 162 2.00 13.36 -4.60
N THR B 163 1.93 12.06 -4.33
CA THR B 163 2.35 11.04 -5.34
C THR B 163 1.61 11.32 -6.65
N THR B 164 2.34 11.54 -7.74
CA THR B 164 1.72 11.84 -9.05
C THR B 164 2.50 11.13 -10.16
N GLY B 171 -8.17 7.52 -15.34
CA GLY B 171 -7.36 8.23 -14.33
C GLY B 171 -6.56 7.25 -13.48
N LEU B 172 -7.03 6.00 -13.40
CA LEU B 172 -6.34 4.98 -12.60
C LEU B 172 -4.99 4.67 -13.26
N THR B 173 -3.90 4.83 -12.52
CA THR B 173 -2.56 4.52 -13.04
C THR B 173 -1.97 3.40 -12.17
N TRP B 174 -0.75 2.96 -12.48
CA TRP B 174 -0.08 1.93 -11.66
C TRP B 174 0.29 2.53 -10.31
N TYR B 175 0.47 3.83 -10.26
CA TYR B 175 0.94 4.48 -9.00
C TYR B 175 -0.20 5.15 -8.26
N SER B 176 -1.43 5.01 -8.74
CA SER B 176 -2.62 5.66 -8.12
C SER B 176 -2.93 5.02 -6.76
N GLY B 177 -2.30 3.89 -6.43
CA GLY B 177 -2.57 3.20 -5.16
C GLY B 177 -1.89 3.84 -3.97
N SER B 178 -0.82 4.59 -4.21
CA SER B 178 -0.16 5.33 -3.10
C SER B 178 -1.18 6.28 -2.49
N LYS B 179 -1.84 7.07 -3.32
CA LYS B 179 -2.79 8.06 -2.75
C LYS B 179 -3.86 7.34 -1.93
N ALA B 180 -4.40 6.24 -2.46
CA ALA B 180 -5.49 5.53 -1.75
C ALA B 180 -4.98 5.02 -0.40
N ALA B 181 -3.75 4.52 -0.37
CA ALA B 181 -3.16 4.02 0.90
C ALA B 181 -2.96 5.17 1.87
N MET B 182 -2.41 6.29 1.39
CA MET B 182 -2.14 7.45 2.26
C MET B 182 -3.45 7.84 2.94
N ILE B 183 -4.52 7.94 2.15
CA ILE B 183 -5.84 8.31 2.70
C ILE B 183 -6.29 7.21 3.65
N ASN B 184 -6.18 5.95 3.23
CA ASN B 184 -6.63 4.87 4.08
C ASN B 184 -5.87 4.84 5.40
N LEU B 185 -4.54 5.01 5.34
CA LEU B 185 -3.72 5.00 6.56
C LEU B 185 -4.07 6.16 7.50
N THR B 186 -4.28 7.33 6.93
CA THR B 186 -4.73 8.51 7.67
C THR B 186 -6.00 8.22 8.46
N LYS B 187 -7.00 7.65 7.80
CA LYS B 187 -8.25 7.31 8.49
C LYS B 187 -8.06 6.20 9.52
N GLY B 188 -7.23 5.19 9.20
CA GLY B 188 -7.00 4.14 10.18
C GLY B 188 -6.25 4.64 11.41
N LEU B 189 -5.16 5.38 11.20
CA LEU B 189 -4.42 5.97 12.32
C LEU B 189 -5.33 6.85 13.16
N ALA B 190 -6.21 7.62 12.51
CA ALA B 190 -7.07 8.54 13.22
C ALA B 190 -8.02 7.81 14.15
N LEU B 191 -8.56 6.69 13.67
CA LEU B 191 -9.41 5.86 14.51
C LEU B 191 -8.59 5.29 15.68
N GLU B 192 -7.36 4.86 15.42
CA GLU B 192 -6.54 4.30 16.48
C GLU B 192 -6.09 5.35 17.50
N PHE B 193 -6.34 6.63 17.24
CA PHE B 193 -6.02 7.71 18.18
C PHE B 193 -7.26 8.52 18.55
N ALA B 194 -8.45 7.94 18.41
CA ALA B 194 -9.67 8.63 18.80
C ALA B 194 -9.61 9.03 20.27
N ARG B 195 -10.01 10.27 20.54
CA ARG B 195 -10.10 10.88 21.86
C ARG B 195 -8.74 11.01 22.54
N SER B 196 -7.68 10.99 21.77
CA SER B 196 -6.33 11.10 22.36
C SER B 196 -5.84 12.55 22.31
N GLY B 197 -6.66 13.48 21.82
CA GLY B 197 -6.08 14.78 21.56
C GLY B 197 -5.15 14.80 20.36
N VAL B 198 -4.91 13.65 19.74
CA VAL B 198 -4.03 13.51 18.59
C VAL B 198 -4.92 13.32 17.36
N ARG B 199 -4.85 14.28 16.44
CA ARG B 199 -5.65 14.30 15.21
C ARG B 199 -4.77 13.93 14.01
N ILE B 200 -5.31 13.14 13.10
CA ILE B 200 -4.57 12.67 11.93
C ILE B 200 -5.43 12.88 10.70
N ASN B 201 -4.94 13.70 9.77
CA ASN B 201 -5.72 14.18 8.64
C ASN B 201 -4.87 14.14 7.38
N ALA B 202 -5.52 14.35 6.23
CA ALA B 202 -4.83 14.22 4.97
C ALA B 202 -5.20 15.37 4.05
N VAL B 203 -4.34 15.65 3.08
CA VAL B 203 -4.65 16.58 2.01
C VAL B 203 -4.38 15.89 0.69
N ASN B 204 -5.33 16.01 -0.23
CA ASN B 204 -5.24 15.37 -1.54
C ASN B 204 -5.17 16.45 -2.61
N PRO B 205 -3.99 16.81 -3.10
CA PRO B 205 -3.90 17.83 -4.16
C PRO B 205 -4.22 17.22 -5.51
N MET B 206 -5.30 17.70 -6.12
CA MET B 206 -5.66 17.23 -7.48
C MET B 206 -5.10 18.23 -8.49
N PRO B 241 -0.10 25.66 -5.24
CA PRO B 241 0.34 25.07 -3.98
C PRO B 241 -0.30 25.85 -2.81
N ASP B 242 -0.76 27.07 -3.09
CA ASP B 242 -1.41 27.91 -2.05
C ASP B 242 -2.53 27.11 -1.39
N ASP B 243 -3.44 26.56 -2.20
CA ASP B 243 -4.57 25.85 -1.63
C ASP B 243 -4.14 24.63 -0.83
N VAL B 244 -3.03 23.99 -1.20
CA VAL B 244 -2.53 22.88 -0.41
C VAL B 244 -2.00 23.38 0.93
N ALA B 245 -1.16 24.43 0.89
CA ALA B 245 -0.62 24.97 2.12
C ALA B 245 -1.72 25.56 2.99
N SER B 246 -2.75 26.13 2.40
CA SER B 246 -3.87 26.62 3.21
C SER B 246 -4.54 25.46 3.93
N ALA B 247 -4.76 24.33 3.25
CA ALA B 247 -5.47 23.22 3.87
C ALA B 247 -4.62 22.58 4.96
N VAL B 248 -3.30 22.49 4.73
CA VAL B 248 -2.40 22.00 5.76
C VAL B 248 -2.41 22.93 6.98
N ALA B 249 -2.28 24.24 6.76
CA ALA B 249 -2.20 25.15 7.90
C ALA B 249 -3.50 25.15 8.69
N PHE B 250 -4.63 25.06 7.99
CA PHE B 250 -5.91 24.88 8.66
C PHE B 250 -5.94 23.60 9.47
N LEU B 251 -5.58 22.47 8.85
CA LEU B 251 -5.65 21.18 9.54
C LEU B 251 -4.69 21.11 10.71
N ALA B 252 -3.56 21.80 10.62
CA ALA B 252 -2.59 21.80 11.70
C ALA B 252 -2.92 22.77 12.81
N SER B 253 -3.95 23.60 12.66
CA SER B 253 -4.30 24.61 13.62
C SER B 253 -5.44 24.16 14.52
N ASP B 254 -5.52 24.79 15.70
CA ASP B 254 -6.63 24.57 16.61
C ASP B 254 -7.98 24.82 15.96
N ASP B 255 -8.04 25.62 14.89
CA ASP B 255 -9.31 25.82 14.22
C ASP B 255 -9.87 24.54 13.62
N ALA B 256 -9.05 23.48 13.51
CA ALA B 256 -9.47 22.21 12.93
C ALA B 256 -9.56 21.11 13.98
N SER B 257 -9.76 21.46 15.26
CA SER B 257 -9.69 20.45 16.32
C SER B 257 -10.87 19.50 16.29
N PHE B 258 -11.95 19.85 15.61
CA PHE B 258 -13.09 18.96 15.44
C PHE B 258 -12.91 17.98 14.27
N LEU B 259 -11.73 17.94 13.66
CA LEU B 259 -11.51 17.15 12.46
C LEU B 259 -10.36 16.19 12.69
N THR B 260 -10.65 14.90 12.65
CA THR B 260 -9.58 13.91 12.53
C THR B 260 -10.07 12.84 11.56
N GLY B 261 -9.12 12.16 10.91
CA GLY B 261 -9.51 11.16 9.93
C GLY B 261 -10.18 11.74 8.70
N VAL B 262 -9.87 12.98 8.38
CA VAL B 262 -10.55 13.64 7.22
C VAL B 262 -9.53 13.91 6.11
N CYS B 263 -9.94 13.70 4.87
CA CYS B 263 -9.06 14.03 3.71
C CYS B 263 -9.67 15.23 3.00
N LEU B 264 -8.87 16.28 2.83
CA LEU B 264 -9.36 17.49 2.15
C LEU B 264 -8.87 17.49 0.71
N ASP B 265 -9.77 17.28 -0.24
CA ASP B 265 -9.43 17.41 -1.65
C ASP B 265 -9.38 18.89 -2.01
N VAL B 266 -8.28 19.35 -2.61
CA VAL B 266 -8.07 20.74 -2.97
C VAL B 266 -7.31 20.82 -4.29
N ASP B 267 -7.48 21.92 -5.01
CA ASP B 267 -6.79 22.04 -6.29
C ASP B 267 -5.31 22.24 -6.06
N GLY B 268 -4.51 21.42 -6.72
CA GLY B 268 -3.06 21.55 -6.66
C GLY B 268 -2.52 22.56 -7.66
#